data_4DXG
#
_entry.id   4DXG
#
_cell.length_a   61.880
_cell.length_b   78.880
_cell.length_c   97.701
_cell.angle_alpha   90.00
_cell.angle_beta   90.00
_cell.angle_gamma   90.00
#
_symmetry.space_group_name_H-M   'I 2 2 2'
#
loop_
_entity.id
_entity.type
_entity.pdbx_description
1 polymer 'Staphylococcal enterotoxin-like toxin'
2 branched 'N-acetyl-alpha-neuraminic acid-(2-3)-beta-D-galactopyranose-(1-4)-[alpha-L-fucopyranose-(1-3)]2-acetamido-2-deoxy-alpha-D-glucopyranose'
3 non-polymer "PIPERAZINE-N,N'-BIS(2-ETHANESULFONIC ACID)"
4 non-polymer 'CHLORIDE ION'
5 water water
#
_entity_poly.entity_id   1
_entity_poly.type   'polypeptide(L)'
_entity_poly.pdbx_seq_one_letter_code
;GPGSTKQVPTEINPKFKDLRAYYTKPSLEFKNEIGIILKKWTTIRFMNVVPDYFIYKIALVGKDDKKYGEGVHRNVDVFV
VLEENNYNLEKYSVGGITKSNSKKVDHKAGVRITKEDNKGTISHDVSEFKITKEQISLKELDFKLRKQLIEKNNLYGNVG
SGKIVIKMKNGGKYTFELHKKLQENRMADVIDGTNIDNIEVNIK
;
_entity_poly.pdbx_strand_id   A
#
loop_
_chem_comp.id
_chem_comp.type
_chem_comp.name
_chem_comp.formula
CL non-polymer 'CHLORIDE ION' 'Cl -1'
FUC L-saccharide, alpha linking alpha-L-fucopyranose 'C6 H12 O5'
GAL D-saccharide, beta linking beta-D-galactopyranose 'C6 H12 O6'
NDG D-saccharide, alpha linking 2-acetamido-2-deoxy-alpha-D-glucopyranose 'C8 H15 N O6'
PIN non-polymer 'PIPERAZINE-N,N'-BIS(2-ETHANESULFONIC ACID)' 'C8 H18 N2 O6 S2'
SIA D-saccharide, alpha linking 'N-acetyl-alpha-neuraminic acid' 'C11 H19 N O9'
#
# COMPACT_ATOMS: atom_id res chain seq x y z
N GLU A 11 7.00 -6.51 24.99
CA GLU A 11 5.85 -5.80 24.35
C GLU A 11 6.23 -5.17 22.98
N ILE A 12 7.45 -4.61 22.89
CA ILE A 12 7.99 -3.99 21.66
C ILE A 12 9.44 -4.46 21.43
N ASN A 13 9.67 -5.30 20.43
CA ASN A 13 11.02 -5.86 20.18
C ASN A 13 11.85 -5.00 19.22
N PRO A 14 13.05 -4.56 19.65
CA PRO A 14 13.93 -3.76 18.76
C PRO A 14 14.41 -4.47 17.48
N LYS A 15 14.36 -5.79 17.44
CA LYS A 15 14.60 -6.56 16.18
C LYS A 15 13.73 -6.08 14.98
N PHE A 16 12.49 -5.66 15.28
CA PHE A 16 11.53 -5.18 14.27
C PHE A 16 11.38 -3.65 14.19
N LYS A 17 12.32 -2.86 14.71
CA LYS A 17 12.09 -1.41 14.82
C LYS A 17 11.91 -0.66 13.49
N ASP A 18 12.61 -1.12 12.46
CA ASP A 18 12.51 -0.50 11.15
C ASP A 18 11.16 -0.71 10.47
N LEU A 19 10.59 -1.89 10.63
CA LEU A 19 9.31 -2.22 10.00
C LEU A 19 8.19 -1.51 10.71
N ARG A 20 8.24 -1.48 12.03
CA ARG A 20 7.24 -0.79 12.82
C ARG A 20 7.31 0.73 12.59
N ALA A 21 8.49 1.25 12.37
CA ALA A 21 8.58 2.68 12.07
C ALA A 21 8.13 2.97 10.65
N TYR A 22 8.45 2.09 9.70
CA TYR A 22 8.02 2.32 8.34
C TYR A 22 6.50 2.30 8.31
N TYR A 23 5.89 1.27 8.90
CA TYR A 23 4.44 1.04 8.76
C TYR A 23 3.58 1.79 9.79
N THR A 24 4.19 2.65 10.59
CA THR A 24 3.41 3.60 11.36
C THR A 24 3.56 5.02 10.81
N LYS A 25 4.35 5.19 9.76
CA LYS A 25 4.44 6.47 9.07
C LYS A 25 3.05 7.00 8.60
N PRO A 26 2.85 8.32 8.63
CA PRO A 26 1.55 8.77 8.13
C PRO A 26 1.42 8.59 6.63
N SER A 27 0.18 8.51 6.16
CA SER A 27 -0.08 8.42 4.73
C SER A 27 -1.05 9.50 4.28
N LEU A 28 -1.01 9.78 2.98
CA LEU A 28 -1.82 10.80 2.31
C LEU A 28 -2.57 10.18 1.13
N GLU A 29 -3.82 10.55 0.91
CA GLU A 29 -4.57 10.09 -0.28
C GLU A 29 -5.00 11.24 -1.19
N PHE A 30 -4.65 11.13 -2.47
CA PHE A 30 -4.99 12.15 -3.45
C PHE A 30 -5.97 11.61 -4.46
N LYS A 31 -7.20 12.15 -4.48
CA LYS A 31 -8.23 11.61 -5.36
C LYS A 31 -8.64 12.57 -6.50
N ASN A 32 -9.13 11.98 -7.60
CA ASN A 32 -9.59 12.70 -8.79
C ASN A 32 -8.64 13.83 -9.24
N GLU A 33 -7.38 13.46 -9.42
CA GLU A 33 -6.32 14.44 -9.50
C GLU A 33 -5.67 14.26 -10.86
N ILE A 34 -4.60 15.01 -11.12
CA ILE A 34 -3.95 14.98 -12.43
C ILE A 34 -2.48 14.72 -12.22
N GLY A 35 -1.88 13.93 -13.12
CA GLY A 35 -0.45 13.61 -13.05
C GLY A 35 0.24 14.15 -14.27
N ILE A 36 1.39 14.78 -14.06
CA ILE A 36 2.23 15.37 -15.10
C ILE A 36 3.54 14.58 -15.09
N ILE A 37 3.91 14.00 -16.22
CA ILE A 37 5.22 13.35 -16.30
C ILE A 37 6.01 14.06 -17.34
N LEU A 38 7.23 14.45 -16.96
CA LEU A 38 8.16 15.20 -17.81
C LEU A 38 9.32 14.31 -18.28
N LYS A 39 10.21 14.92 -19.10
CA LYS A 39 11.38 14.26 -19.72
C LYS A 39 12.31 13.71 -18.66
N LYS A 40 12.70 12.44 -18.80
CA LYS A 40 13.59 11.78 -17.83
C LYS A 40 14.83 12.64 -17.52
N TRP A 41 15.09 12.86 -16.23
CA TRP A 41 16.22 13.68 -15.78
C TRP A 41 17.22 12.92 -14.92
N THR A 42 16.79 11.84 -14.26
CA THR A 42 17.70 11.00 -13.45
C THR A 42 17.55 9.53 -13.78
N THR A 43 17.94 8.65 -12.85
CA THR A 43 17.80 7.19 -13.00
C THR A 43 16.35 6.70 -13.23
N ILE A 44 15.36 7.26 -12.53
CA ILE A 44 13.96 6.93 -12.83
C ILE A 44 13.09 8.12 -13.26
N ARG A 45 11.83 7.81 -13.58
CA ARG A 45 10.83 8.78 -14.02
C ARG A 45 9.79 8.99 -12.89
N PHE A 46 9.28 10.23 -12.80
CA PHE A 46 8.36 10.61 -11.75
C PHE A 46 7.06 11.14 -12.32
N MET A 47 5.96 10.78 -11.66
CA MET A 47 4.72 11.51 -11.87
C MET A 47 4.65 12.66 -10.87
N ASN A 48 4.38 13.86 -11.37
CA ASN A 48 4.21 15.03 -10.53
C ASN A 48 2.74 15.17 -10.28
N VAL A 49 2.39 15.37 -9.00
CA VAL A 49 1.04 15.67 -8.61
C VAL A 49 1.06 16.90 -7.70
N VAL A 50 0.13 17.83 -7.94
CA VAL A 50 0.01 19.06 -7.20
C VAL A 50 -1.41 19.23 -6.56
N PRO A 51 -1.64 18.57 -5.40
CA PRO A 51 -2.94 18.60 -4.73
C PRO A 51 -3.09 19.86 -3.89
N ASP A 52 -1.97 20.43 -3.43
CA ASP A 52 -1.94 21.55 -2.44
C ASP A 52 -0.77 22.46 -2.78
N TYR A 53 -0.17 23.19 -1.82
CA TYR A 53 1.04 23.99 -2.11
C TYR A 53 2.37 23.23 -2.45
N PHE A 54 2.34 21.90 -2.44
CA PHE A 54 3.52 21.14 -2.88
C PHE A 54 3.36 20.37 -4.16
N ILE A 55 4.48 20.15 -4.85
CA ILE A 55 4.59 19.20 -5.95
C ILE A 55 5.06 17.85 -5.36
N TYR A 56 4.30 16.77 -5.59
CA TYR A 56 4.78 15.49 -5.11
C TYR A 56 5.35 14.69 -6.24
N LYS A 57 6.53 14.10 -6.03
CA LYS A 57 7.20 13.24 -7.00
C LYS A 57 6.88 11.76 -6.73
N ILE A 58 6.13 11.14 -7.63
CA ILE A 58 5.74 9.77 -7.48
C ILE A 58 6.54 8.88 -8.41
N ALA A 59 7.51 8.17 -7.83
CA ALA A 59 8.39 7.26 -8.55
C ALA A 59 7.63 6.23 -9.36
N LEU A 60 7.87 6.25 -10.67
CA LEU A 60 7.29 5.22 -11.57
C LEU A 60 8.16 3.95 -11.57
N VAL A 61 7.79 2.99 -10.73
CA VAL A 61 8.58 1.75 -10.52
C VAL A 61 7.78 0.62 -11.15
N GLY A 62 8.32 -0.60 -11.15
CA GLY A 62 7.58 -1.74 -11.61
C GLY A 62 6.91 -1.47 -12.95
N LYS A 63 5.65 -1.84 -13.06
CA LYS A 63 4.89 -1.71 -14.32
C LYS A 63 4.42 -0.32 -14.68
N ASP A 64 4.51 0.63 -13.74
CA ASP A 64 4.20 2.03 -13.99
C ASP A 64 5.11 2.65 -15.00
N ASP A 65 6.32 2.12 -15.17
CA ASP A 65 7.23 2.74 -16.13
C ASP A 65 6.69 2.69 -17.59
N LYS A 66 6.37 1.49 -18.09
CA LYS A 66 5.74 1.33 -19.40
C LYS A 66 4.31 1.93 -19.49
N LYS A 67 3.59 2.01 -18.38
CA LYS A 67 2.18 2.38 -18.42
C LYS A 67 2.02 3.87 -18.71
N TYR A 68 2.94 4.67 -18.17
CA TYR A 68 2.79 6.12 -18.25
C TYR A 68 3.86 6.76 -19.11
N GLY A 69 3.43 7.23 -20.28
CA GLY A 69 4.30 8.05 -21.16
C GLY A 69 4.42 9.45 -20.57
N GLU A 70 5.33 10.25 -21.10
CA GLU A 70 5.37 11.66 -20.69
C GLU A 70 4.12 12.41 -21.11
N GLY A 71 3.88 13.58 -20.49
CA GLY A 71 2.61 14.30 -20.70
C GLY A 71 1.68 14.20 -19.52
N VAL A 72 0.38 14.37 -19.80
CA VAL A 72 -0.63 14.67 -18.80
C VAL A 72 -1.54 13.47 -18.65
N HIS A 73 -1.75 13.04 -17.42
CA HIS A 73 -2.70 11.95 -17.15
C HIS A 73 -3.73 12.43 -16.18
N ARG A 74 -4.99 12.41 -16.62
CA ARG A 74 -6.10 12.85 -15.82
C ARG A 74 -6.75 11.62 -15.17
N ASN A 75 -7.60 11.86 -14.18
CA ASN A 75 -8.32 10.78 -13.49
C ASN A 75 -7.35 9.83 -12.86
N VAL A 76 -6.59 10.38 -11.94
CA VAL A 76 -5.52 9.70 -11.28
C VAL A 76 -5.79 9.86 -9.78
N ASP A 77 -5.73 8.74 -9.08
CA ASP A 77 -5.60 8.70 -7.63
C ASP A 77 -4.20 8.25 -7.29
N VAL A 78 -3.66 8.76 -6.19
CA VAL A 78 -2.37 8.31 -5.68
C VAL A 78 -2.47 8.03 -4.17
N PHE A 79 -1.95 6.89 -3.72
CA PHE A 79 -1.81 6.62 -2.30
C PHE A 79 -0.36 6.93 -1.96
N VAL A 80 -0.17 7.90 -1.05
CA VAL A 80 1.15 8.45 -0.73
C VAL A 80 1.67 8.10 0.67
N VAL A 81 2.93 7.68 0.73
CA VAL A 81 3.70 7.45 1.96
C VAL A 81 5.04 8.12 1.68
N LEU A 82 5.24 9.30 2.26
CA LEU A 82 6.44 10.09 1.99
C LEU A 82 7.65 9.43 2.62
N GLU A 83 8.76 9.39 1.89
CA GLU A 83 9.95 8.65 2.28
C GLU A 83 11.21 9.46 2.07
N GLU A 84 12.23 9.18 2.88
CA GLU A 84 13.63 9.53 2.55
C GLU A 84 13.95 8.98 1.16
N ASN A 85 14.95 9.55 0.52
CA ASN A 85 15.35 9.13 -0.80
C ASN A 85 16.68 9.73 -1.18
N ASN A 86 17.26 9.13 -2.22
CA ASN A 86 18.57 9.53 -2.71
C ASN A 86 18.55 10.37 -3.96
N TYR A 87 17.46 11.10 -4.15
CA TYR A 87 17.33 11.98 -5.29
C TYR A 87 17.20 13.46 -4.87
N ASN A 88 17.30 13.77 -3.58
CA ASN A 88 17.29 15.19 -3.13
C ASN A 88 15.88 15.82 -3.30
N LEU A 89 14.85 14.98 -3.13
CA LEU A 89 13.45 15.40 -3.30
C LEU A 89 12.74 15.59 -1.97
N GLU A 90 12.02 16.70 -1.84
CA GLU A 90 11.32 17.02 -0.62
C GLU A 90 10.08 16.12 -0.37
N LYS A 91 9.31 15.89 -1.43
CA LYS A 91 8.04 15.19 -1.31
C LYS A 91 8.10 14.06 -2.30
N TYR A 92 8.42 12.86 -1.82
CA TYR A 92 8.68 11.71 -2.65
C TYR A 92 7.96 10.50 -2.06
N SER A 93 7.35 9.70 -2.95
CA SER A 93 6.71 8.44 -2.60
C SER A 93 6.83 7.52 -3.79
N VAL A 94 6.66 6.22 -3.55
CA VAL A 94 6.89 5.18 -4.54
C VAL A 94 5.55 4.46 -4.88
N GLY A 95 5.09 4.56 -6.12
CA GLY A 95 3.94 3.79 -6.59
C GLY A 95 2.62 4.29 -6.06
N GLY A 96 1.59 3.41 -6.09
CA GLY A 96 0.27 3.72 -5.52
C GLY A 96 -0.58 4.62 -6.38
N ILE A 97 -0.24 4.69 -7.67
CA ILE A 97 -1.00 5.42 -8.67
C ILE A 97 -2.07 4.49 -9.24
N THR A 98 -3.32 4.98 -9.27
CA THR A 98 -4.47 4.22 -9.80
C THR A 98 -5.41 5.12 -10.59
N LYS A 99 -6.36 4.51 -11.28
CA LYS A 99 -7.40 5.21 -12.06
C LYS A 99 -8.46 5.66 -11.06
N SER A 100 -8.87 6.93 -11.15
CA SER A 100 -9.94 7.46 -10.29
C SER A 100 -11.26 6.69 -10.43
N ASN A 101 -12.09 6.64 -9.37
CA ASN A 101 -13.35 5.89 -9.46
C ASN A 101 -14.14 6.30 -10.74
N SER A 102 -14.73 5.35 -11.46
CA SER A 102 -15.64 5.74 -12.54
C SER A 102 -17.14 5.73 -12.12
N LYS A 103 -17.38 5.53 -10.82
CA LYS A 103 -18.73 5.30 -10.27
C LYS A 103 -18.59 5.12 -8.76
N LYS A 104 -19.70 5.00 -8.05
CA LYS A 104 -19.64 4.86 -6.59
C LYS A 104 -19.03 3.53 -6.23
N VAL A 105 -18.16 3.56 -5.25
CA VAL A 105 -17.60 2.35 -4.70
C VAL A 105 -17.75 2.44 -3.19
N ASP A 106 -18.33 1.39 -2.61
CA ASP A 106 -18.41 1.19 -1.16
C ASP A 106 -18.51 -0.32 -0.88
N HIS A 107 -17.34 -0.95 -0.78
CA HIS A 107 -17.21 -2.39 -0.71
C HIS A 107 -16.49 -2.68 0.59
N LYS A 108 -16.95 -3.67 1.35
CA LYS A 108 -16.13 -4.17 2.47
C LYS A 108 -15.84 -5.65 2.36
N ALA A 109 -14.63 -6.04 2.74
CA ALA A 109 -14.23 -7.44 2.72
C ALA A 109 -13.85 -7.90 4.12
N GLY A 110 -14.10 -9.19 4.36
CA GLY A 110 -13.91 -9.77 5.68
C GLY A 110 -12.46 -10.05 5.91
N VAL A 111 -11.98 -9.70 7.09
CA VAL A 111 -10.64 -10.01 7.48
C VAL A 111 -10.68 -11.04 8.61
N ARG A 112 -9.87 -12.10 8.48
CA ARG A 112 -9.71 -13.05 9.56
C ARG A 112 -8.23 -13.00 9.92
N ILE A 113 -7.92 -12.78 11.19
CA ILE A 113 -6.56 -12.68 11.68
C ILE A 113 -6.28 -13.73 12.73
N THR A 114 -5.21 -14.51 12.52
CA THR A 114 -4.74 -15.52 13.45
C THR A 114 -3.36 -15.12 13.92
N LYS A 115 -3.11 -15.18 15.21
CA LYS A 115 -1.78 -14.79 15.71
C LYS A 115 -1.18 -15.72 16.77
N GLU A 116 0.04 -16.16 16.53
CA GLU A 116 0.77 -17.01 17.45
C GLU A 116 2.05 -16.31 17.95
N ASP A 117 2.14 -16.03 19.25
CA ASP A 117 3.42 -15.55 19.81
C ASP A 117 4.45 -16.67 20.06
N ASN A 118 5.63 -16.28 20.56
CA ASN A 118 6.73 -17.23 20.85
C ASN A 118 6.36 -18.24 21.96
N LYS A 119 5.53 -17.77 22.90
CA LYS A 119 5.00 -18.57 24.02
C LYS A 119 3.93 -19.64 23.69
N GLY A 120 3.37 -19.59 22.47
CA GLY A 120 2.35 -20.53 21.98
C GLY A 120 0.90 -20.01 22.01
N THR A 121 0.70 -18.80 22.54
CA THR A 121 -0.64 -18.22 22.66
C THR A 121 -1.19 -17.89 21.25
N ILE A 122 -2.42 -18.32 20.99
CA ILE A 122 -3.02 -18.22 19.66
C ILE A 122 -4.30 -17.37 19.70
N SER A 123 -4.19 -16.12 19.24
CA SER A 123 -5.33 -15.21 19.18
C SER A 123 -6.05 -15.27 17.83
N HIS A 124 -7.35 -15.02 17.86
CA HIS A 124 -8.12 -15.01 16.64
C HIS A 124 -9.00 -13.77 16.62
N ASP A 125 -8.65 -12.85 15.74
CA ASP A 125 -9.44 -11.67 15.53
C ASP A 125 -10.23 -11.80 14.19
N VAL A 126 -11.17 -10.88 14.00
CA VAL A 126 -11.89 -10.64 12.75
C VAL A 126 -11.96 -9.12 12.64
N SER A 127 -12.40 -8.66 11.48
CA SER A 127 -12.36 -7.26 11.15
C SER A 127 -13.14 -7.20 9.84
N GLU A 128 -13.33 -5.99 9.37
CA GLU A 128 -13.98 -5.77 8.11
C GLU A 128 -13.18 -4.64 7.47
N PHE A 129 -12.90 -4.74 6.18
CA PHE A 129 -12.01 -3.78 5.57
C PHE A 129 -12.72 -3.02 4.49
N LYS A 130 -12.73 -1.70 4.64
CA LYS A 130 -13.50 -0.85 3.76
C LYS A 130 -12.70 -0.44 2.55
N ILE A 131 -13.18 -0.76 1.37
CA ILE A 131 -12.56 -0.37 0.12
C ILE A 131 -13.50 0.65 -0.48
N THR A 132 -12.96 1.80 -0.84
CA THR A 132 -13.75 2.85 -1.43
C THR A 132 -13.23 3.22 -2.85
N LYS A 133 -12.36 2.39 -3.40
CA LYS A 133 -11.80 2.62 -4.71
C LYS A 133 -11.99 1.42 -5.66
N GLU A 134 -12.48 1.67 -6.86
CA GLU A 134 -12.66 0.67 -7.90
C GLU A 134 -11.31 -0.01 -8.30
N GLN A 135 -10.23 0.78 -8.24
CA GLN A 135 -8.93 0.23 -8.49
C GLN A 135 -8.00 0.59 -7.34
N ILE A 136 -7.32 -0.39 -6.80
CA ILE A 136 -6.51 -0.10 -5.61
C ILE A 136 -5.11 -0.74 -5.75
N SER A 137 -4.09 -0.01 -5.27
CA SER A 137 -2.69 -0.48 -5.36
C SER A 137 -2.38 -1.47 -4.26
N LEU A 138 -1.49 -2.41 -4.54
CA LEU A 138 -1.09 -3.27 -3.44
C LEU A 138 -0.42 -2.42 -2.34
N LYS A 139 0.20 -1.31 -2.71
CA LYS A 139 0.88 -0.43 -1.77
C LYS A 139 -0.05 -0.02 -0.65
N GLU A 140 -1.30 0.26 -1.02
CA GLU A 140 -2.26 0.90 -0.14
C GLU A 140 -2.80 -0.16 0.78
N LEU A 141 -3.03 -1.33 0.21
CA LEU A 141 -3.59 -2.46 0.92
C LEU A 141 -2.58 -2.91 1.93
N ASP A 142 -1.34 -3.12 1.48
CA ASP A 142 -0.21 -3.53 2.31
C ASP A 142 -0.01 -2.54 3.39
N PHE A 143 0.04 -1.25 3.04
CA PHE A 143 0.30 -0.24 4.06
C PHE A 143 -0.81 -0.12 5.11
N LYS A 144 -2.05 -0.02 4.65
CA LYS A 144 -3.15 0.11 5.57
C LYS A 144 -3.40 -1.16 6.43
N LEU A 145 -3.17 -2.34 5.86
CA LEU A 145 -3.42 -3.56 6.64
C LEU A 145 -2.32 -3.74 7.69
N ARG A 146 -1.08 -3.44 7.33
CA ARG A 146 -0.01 -3.57 8.30
C ARG A 146 -0.17 -2.56 9.41
N LYS A 147 -0.53 -1.32 9.06
CA LYS A 147 -0.60 -0.29 10.11
C LYS A 147 -1.68 -0.67 11.15
N GLN A 148 -2.73 -1.32 10.68
CA GLN A 148 -3.83 -1.74 11.50
C GLN A 148 -3.37 -2.85 12.44
N LEU A 149 -2.57 -3.79 11.91
CA LEU A 149 -2.15 -4.96 12.65
C LEU A 149 -1.19 -4.59 13.75
N ILE A 150 -0.46 -3.52 13.51
CA ILE A 150 0.44 -2.99 14.49
C ILE A 150 -0.39 -2.36 15.57
N GLU A 151 -1.45 -1.65 15.17
CA GLU A 151 -2.24 -0.83 16.09
C GLU A 151 -3.07 -1.73 16.99
N LYS A 152 -3.75 -2.70 16.39
CA LYS A 152 -4.65 -3.59 17.09
C LYS A 152 -4.06 -4.94 17.54
N ASN A 153 -3.09 -5.50 16.80
CA ASN A 153 -2.61 -6.86 17.11
C ASN A 153 -1.13 -6.97 17.46
N ASN A 154 -0.53 -5.84 17.76
CA ASN A 154 0.86 -5.79 18.13
C ASN A 154 1.89 -6.37 17.12
N LEU A 155 1.53 -6.39 15.83
CA LEU A 155 2.52 -6.67 14.79
C LEU A 155 3.71 -5.75 15.04
N TYR A 156 4.91 -6.34 14.84
CA TYR A 156 6.22 -5.69 15.03
C TYR A 156 6.52 -5.24 16.47
N GLY A 157 5.64 -5.65 17.38
CA GLY A 157 5.86 -5.55 18.81
C GLY A 157 6.43 -6.88 19.31
N ASN A 158 5.57 -7.86 19.57
CA ASN A 158 6.09 -9.11 20.12
C ASN A 158 6.47 -10.08 19.00
N VAL A 159 5.69 -10.05 17.91
CA VAL A 159 5.99 -10.84 16.70
C VAL A 159 6.01 -9.98 15.42
N GLY A 160 6.83 -10.40 14.47
CA GLY A 160 7.02 -9.64 13.27
C GLY A 160 7.26 -10.46 12.04
N SER A 161 6.54 -11.57 11.89
CA SER A 161 6.53 -12.21 10.60
C SER A 161 5.20 -12.87 10.39
N GLY A 162 5.07 -13.58 9.27
CA GLY A 162 3.85 -14.23 8.85
C GLY A 162 3.42 -13.68 7.50
N LYS A 163 2.14 -13.79 7.17
CA LYS A 163 1.64 -13.22 5.90
C LYS A 163 0.19 -12.64 5.88
N ILE A 164 -0.04 -11.68 4.98
CA ILE A 164 -1.39 -11.26 4.59
C ILE A 164 -1.67 -11.87 3.22
N VAL A 165 -2.83 -12.53 3.08
CA VAL A 165 -3.32 -12.97 1.77
C VAL A 165 -4.67 -12.35 1.37
N ILE A 166 -4.65 -11.49 0.35
CA ILE A 166 -5.83 -10.89 -0.22
C ILE A 166 -6.41 -11.91 -1.17
N LYS A 167 -7.66 -12.31 -0.98
CA LYS A 167 -8.26 -13.33 -1.83
C LYS A 167 -9.33 -12.72 -2.68
N MET A 168 -9.32 -13.05 -3.98
CA MET A 168 -10.23 -12.46 -4.98
C MET A 168 -11.41 -13.36 -5.40
N LYS A 169 -12.54 -12.73 -5.72
CA LYS A 169 -13.70 -13.38 -6.34
C LYS A 169 -13.35 -14.52 -7.33
N ASN A 170 -12.35 -14.32 -8.17
CA ASN A 170 -11.94 -15.35 -9.14
C ASN A 170 -11.01 -16.46 -8.62
N GLY A 171 -10.68 -16.41 -7.34
CA GLY A 171 -9.69 -17.34 -6.80
C GLY A 171 -8.23 -16.87 -6.78
N GLY A 172 -7.88 -15.82 -7.53
CA GLY A 172 -6.54 -15.26 -7.46
C GLY A 172 -6.25 -14.75 -6.05
N LYS A 173 -5.00 -14.39 -5.79
CA LYS A 173 -4.54 -13.92 -4.48
C LYS A 173 -3.30 -13.03 -4.58
N TYR A 174 -3.04 -12.29 -3.50
CA TYR A 174 -1.88 -11.38 -3.39
C TYR A 174 -1.36 -11.44 -1.98
N THR A 175 -0.10 -11.79 -1.84
CA THR A 175 0.49 -12.15 -0.58
C THR A 175 1.49 -11.09 -0.19
N PHE A 176 1.39 -10.61 1.06
CA PHE A 176 2.42 -9.74 1.63
C PHE A 176 3.15 -10.47 2.78
N GLU A 177 4.43 -10.72 2.61
CA GLU A 177 5.19 -11.28 3.68
C GLU A 177 5.59 -10.22 4.70
N LEU A 178 5.32 -10.51 5.96
CA LEU A 178 5.38 -9.54 7.05
C LEU A 178 6.78 -9.28 7.63
N HIS A 179 7.72 -10.17 7.35
CA HIS A 179 9.08 -10.00 7.90
C HIS A 179 9.98 -8.94 7.18
N LYS A 180 9.50 -8.42 6.03
CA LYS A 180 10.14 -7.32 5.26
C LYS A 180 9.07 -6.43 4.57
N LYS A 181 9.52 -5.24 4.10
CA LYS A 181 8.73 -4.26 3.34
C LYS A 181 8.20 -4.92 2.09
N LEU A 182 7.12 -4.36 1.54
CA LEU A 182 6.55 -4.82 0.28
C LEU A 182 7.65 -4.52 -0.73
N GLN A 183 7.88 -5.40 -1.68
CA GLN A 183 8.96 -5.11 -2.62
C GLN A 183 8.48 -3.94 -3.47
N GLU A 184 9.38 -2.99 -3.67
CA GLU A 184 9.05 -1.72 -4.32
C GLU A 184 8.38 -1.83 -5.66
N ASN A 185 8.73 -2.83 -6.45
CA ASN A 185 8.10 -2.99 -7.75
C ASN A 185 6.58 -3.24 -7.63
N ARG A 186 6.22 -3.89 -6.53
CA ARG A 186 4.85 -4.32 -6.28
C ARG A 186 3.99 -3.15 -5.84
N MET A 187 4.61 -2.10 -5.34
CA MET A 187 3.90 -0.86 -5.03
C MET A 187 3.18 -0.19 -6.20
N ALA A 188 3.46 -0.68 -7.42
CA ALA A 188 2.88 -0.17 -8.64
C ALA A 188 1.79 -1.09 -9.12
N ASP A 189 1.69 -2.27 -8.52
CA ASP A 189 0.70 -3.25 -8.96
C ASP A 189 -0.69 -2.78 -8.57
N VAL A 190 -1.66 -2.93 -9.45
CA VAL A 190 -3.03 -2.53 -9.10
C VAL A 190 -4.06 -3.65 -9.36
N ILE A 191 -5.15 -3.61 -8.60
CA ILE A 191 -6.15 -4.64 -8.67
C ILE A 191 -7.57 -4.03 -8.52
N ASP A 192 -8.59 -4.77 -8.93
N ASP A 192 -8.59 -4.80 -8.88
CA ASP A 192 -9.98 -4.31 -8.79
CA ASP A 192 -9.97 -4.34 -8.81
C ASP A 192 -10.37 -4.47 -7.35
C ASP A 192 -10.49 -4.48 -7.39
N GLY A 193 -10.64 -3.36 -6.69
CA GLY A 193 -11.06 -3.38 -5.27
C GLY A 193 -12.33 -4.18 -5.02
N THR A 194 -13.33 -4.01 -5.89
CA THR A 194 -14.63 -4.62 -5.59
C THR A 194 -14.63 -6.13 -5.87
N ASN A 195 -13.47 -6.68 -6.27
CA ASN A 195 -13.31 -8.14 -6.41
C ASN A 195 -12.54 -8.74 -5.27
N ILE A 196 -12.15 -7.92 -4.30
CA ILE A 196 -11.51 -8.46 -3.11
C ILE A 196 -12.59 -9.09 -2.24
N ASP A 197 -12.42 -10.39 -1.98
CA ASP A 197 -13.46 -11.19 -1.35
C ASP A 197 -13.18 -11.28 0.13
N ASN A 198 -11.99 -11.70 0.51
CA ASN A 198 -11.63 -11.70 1.93
C ASN A 198 -10.11 -11.58 2.11
N ILE A 199 -9.69 -11.35 3.35
CA ILE A 199 -8.31 -11.10 3.66
C ILE A 199 -7.91 -12.02 4.80
N GLU A 200 -6.88 -12.83 4.57
CA GLU A 200 -6.45 -13.80 5.53
C GLU A 200 -5.13 -13.34 6.05
N VAL A 201 -5.09 -13.00 7.33
CA VAL A 201 -3.85 -12.58 7.99
C VAL A 201 -3.37 -13.73 8.87
N ASN A 202 -2.09 -14.06 8.72
CA ASN A 202 -1.48 -15.06 9.57
C ASN A 202 -0.13 -14.61 10.19
N ILE A 203 -0.17 -14.24 11.46
CA ILE A 203 1.00 -13.75 12.17
C ILE A 203 1.65 -14.83 13.07
N LYS A 204 2.93 -15.11 12.83
CA LYS A 204 3.65 -16.18 13.52
C LYS A 204 5.15 -15.87 13.51
C1 NDG B . 9.88 -9.08 -7.67
C2 NDG B . 10.27 -9.75 -6.35
C3 NDG B . 9.53 -11.09 -6.11
C4 NDG B . 8.02 -11.01 -6.34
C5 NDG B . 7.75 -10.35 -7.70
C6 NDG B . 6.23 -10.30 -7.92
C7 NDG B . 12.50 -9.20 -5.35
C8 NDG B . 13.96 -9.59 -5.23
O5 NDG B . 8.44 -9.10 -7.85
O3 NDG B . 9.64 -11.51 -4.77
O4 NDG B . 7.44 -12.33 -6.29
O6 NDG B . 5.88 -9.31 -8.86
O7 NDG B . 12.10 -8.21 -4.74
N2 NDG B . 11.71 -9.94 -6.14
O1 NDG B . 10.48 -9.76 -8.75
C1 GAL B . 6.25 -12.31 -5.45
C2 GAL B . 5.41 -13.48 -5.91
C3 GAL B . 4.16 -13.60 -5.11
C4 GAL B . 4.51 -13.72 -3.61
C5 GAL B . 5.35 -12.51 -3.20
C6 GAL B . 5.84 -12.72 -1.80
O2 GAL B . 5.05 -13.25 -7.23
O3 GAL B . 3.41 -14.68 -5.62
O4 GAL B . 5.24 -14.93 -3.31
O5 GAL B . 6.49 -12.38 -4.05
O6 GAL B . 6.56 -11.58 -1.40
C1 SIA B . 1.36 -13.90 -4.55
C2 SIA B . 2.05 -14.26 -5.89
C3 SIA B . 1.31 -15.48 -6.50
C4 SIA B . -0.06 -15.11 -7.07
C5 SIA B . -0.03 -13.87 -7.98
C6 SIA B . 0.73 -12.76 -7.25
C7 SIA B . 0.92 -11.47 -8.07
C8 SIA B . 1.79 -10.49 -7.30
C9 SIA B . 1.76 -9.08 -7.91
C10 SIA B . -2.01 -13.41 -9.42
C11 SIA B . -3.44 -12.99 -9.38
N5 SIA B . -1.42 -13.48 -8.22
O1A SIA B . 0.98 -14.84 -3.80
O1B SIA B . 1.25 -12.68 -4.23
O4 SIA B . -0.64 -16.18 -7.85
O6 SIA B . 2.04 -13.24 -6.88
O7 SIA B . 1.62 -11.80 -9.25
O8 SIA B . 1.33 -10.50 -5.93
O9 SIA B . 2.54 -8.19 -7.07
O10 SIA B . -1.47 -13.65 -10.50
C1 FUC B . 10.62 -12.51 -4.53
C2 FUC B . 10.95 -12.49 -3.04
C3 FUC B . 9.87 -13.11 -2.22
C4 FUC B . 9.61 -14.50 -2.71
C5 FUC B . 9.23 -14.42 -4.20
C6 FUC B . 8.94 -15.74 -4.90
O2 FUC B . 11.03 -11.17 -2.55
O3 FUC B . 10.40 -13.15 -0.91
O4 FUC B . 10.82 -15.21 -2.38
O5 FUC B . 10.27 -13.83 -4.96
C1 PIN C . -0.67 21.33 3.14
C2 PIN C . 0.70 20.65 3.03
N1 PIN C . 0.81 19.52 3.95
C3 PIN C . 2.07 19.48 4.68
C4 PIN C . -0.23 18.46 4.13
C1' PIN C . 1.98 14.97 6.10
C2' PIN C . 2.67 16.11 5.32
N1' PIN C . 1.68 17.20 5.09
C3' PIN C . 0.49 17.09 4.21
C4' PIN C . 1.89 18.46 5.79
S1 PIN C . -0.72 22.74 2.23
S1' PIN C . 2.97 13.70 6.60
O1 PIN C . -2.15 22.99 1.98
O2 PIN C . -0.15 23.84 3.04
O3 PIN C . 0.11 22.66 1.00
O1' PIN C . 2.42 12.46 6.00
O2' PIN C . 2.90 13.67 8.10
O3' PIN C . 4.39 13.88 6.19
CL CL D . 12.03 6.42 5.17
CL CL E . -8.33 -8.58 -10.12
#